data_6KIK
#
_entry.id   6KIK
#
_cell.length_a   84.594
_cell.length_b   84.594
_cell.length_c   92.990
_cell.angle_alpha   90.000
_cell.angle_beta   90.000
_cell.angle_gamma   120.000
#
_symmetry.space_group_name_H-M   'P 31 2 1'
#
loop_
_entity.id
_entity.type
_entity.pdbx_description
1 polymer 'Oxidoreductase, aldo/keto reductase family'
2 non-polymer TOLRESTAT
3 water water
#
_entity_poly.entity_id   1
_entity_poly.type   'polypeptide(L)'
_entity_poly.pdbx_seq_one_letter_code
;SMLYKELGRTGEEIPALGLGTWGIGGFETPDYSRDEEMVELLKTAIKMGYTHIDTAEYYGGGHTEELIGKAIKDFRREDL
FIVSKVWPTHLRRDDLLRSLENTLKRLDTDYVDLYLIHWPNPEIPLEETLSAMAEGVRQGLIRYIGVSNFDRRLLEEAIS
KSQEPIVCDQVKYNIEDRDPERDGLLEFCQKNGVTLVAYSPLRRTLLSEKTKRTLEEIAKNHGATIYQIMLAWLLAKPNV
VAIPKAGRVEHLRENLKATEIKLSEEEMKLLDSLG
;
_entity_poly.pdbx_strand_id   A
#
# COMPACT_ATOMS: atom_id res chain seq x y z
N SER A 1 14.99 8.88 7.88
CA SER A 1 13.90 8.70 8.84
C SER A 1 12.55 8.64 8.12
N MET A 2 11.63 7.88 8.68
CA MET A 2 10.37 7.56 8.00
C MET A 2 9.38 8.71 8.14
N LEU A 3 8.84 9.17 7.01
CA LEU A 3 7.76 10.13 7.00
C LEU A 3 6.46 9.44 7.41
N TYR A 4 5.68 10.13 8.24
CA TYR A 4 4.37 9.63 8.70
C TYR A 4 3.26 10.55 8.20
N LYS A 5 2.10 9.96 7.91
CA LYS A 5 0.92 10.73 7.52
C LYS A 5 -0.31 10.13 8.19
N GLU A 6 -1.33 10.97 8.42
CA GLU A 6 -2.57 10.47 8.98
C GLU A 6 -3.27 9.55 7.97
N LEU A 7 -3.77 8.43 8.47
CA LEU A 7 -4.59 7.52 7.68
C LEU A 7 -6.05 7.99 7.74
N GLY A 8 -6.64 8.26 6.59
CA GLY A 8 -8.03 8.71 6.57
C GLY A 8 -8.26 9.87 7.51
N ARG A 9 -9.32 9.76 8.31
CA ARG A 9 -9.59 10.67 9.42
C ARG A 9 -9.54 9.95 10.76
N THR A 10 -8.69 8.92 10.84
CA THR A 10 -8.59 8.06 12.02
C THR A 10 -7.89 8.72 13.19
N GLY A 11 -7.19 9.83 12.98
CA GLY A 11 -6.35 10.37 14.03
C GLY A 11 -5.09 9.57 14.28
N GLU A 12 -4.80 8.59 13.43
CA GLU A 12 -3.65 7.73 13.57
C GLU A 12 -2.70 7.98 12.40
N GLU A 13 -1.41 8.15 12.71
CA GLU A 13 -0.40 8.32 11.68
C GLU A 13 0.25 6.99 11.37
N ILE A 14 0.51 6.76 10.08
CA ILE A 14 1.17 5.54 9.63
C ILE A 14 2.39 5.92 8.80
N PRO A 15 3.37 5.04 8.69
CA PRO A 15 4.48 5.29 7.77
C PRO A 15 3.96 5.54 6.36
N ALA A 16 4.45 6.61 5.75
CA ALA A 16 4.00 7.01 4.43
C ALA A 16 4.68 6.21 3.34
N LEU A 17 5.66 5.37 3.69
CA LEU A 17 6.17 4.34 2.81
C LEU A 17 5.79 2.99 3.41
N GLY A 18 5.01 2.23 2.70
CA GLY A 18 4.72 0.88 3.11
C GLY A 18 5.78 -0.07 2.59
N LEU A 19 5.83 -1.24 3.19
CA LEU A 19 6.74 -2.29 2.76
C LEU A 19 5.97 -3.21 1.81
N GLY A 20 6.26 -3.13 0.51
CA GLY A 20 5.60 -3.99 -0.45
C GLY A 20 6.23 -5.37 -0.44
N THR A 21 5.41 -6.40 -0.31
CA THR A 21 5.92 -7.75 -0.13
C THR A 21 5.65 -8.69 -1.30
N TRP A 22 5.14 -8.17 -2.41
CA TRP A 22 4.92 -9.02 -3.59
C TRP A 22 6.23 -9.61 -4.08
N GLY A 23 6.29 -10.93 -4.14
CA GLY A 23 7.48 -11.67 -4.53
C GLY A 23 8.23 -12.31 -3.37
N ILE A 24 8.01 -11.83 -2.16
CA ILE A 24 8.67 -12.40 -0.99
C ILE A 24 7.99 -13.73 -0.64
N GLY A 25 8.70 -14.83 -0.85
CA GLY A 25 8.09 -16.13 -0.65
C GLY A 25 7.32 -16.65 -1.85
N GLY A 26 7.57 -16.10 -3.02
CA GLY A 26 6.87 -16.45 -4.23
C GLY A 26 5.97 -15.32 -4.71
N PHE A 27 5.36 -15.34 -5.95
CA PHE A 27 4.43 -14.39 -6.53
C PHE A 27 3.02 -14.97 -6.51
N GLU A 28 2.74 -15.77 -7.56
CA GLU A 28 1.42 -16.37 -7.55
C GLU A 28 1.38 -17.69 -6.77
N THR A 29 2.50 -18.38 -6.64
CA THR A 29 2.57 -19.65 -5.95
C THR A 29 3.69 -19.61 -4.91
N PRO A 30 3.65 -20.49 -3.92
CA PRO A 30 4.68 -20.44 -2.86
C PRO A 30 6.05 -20.82 -3.37
N ASP A 31 7.05 -20.09 -2.89
CA ASP A 31 8.46 -20.40 -3.09
C ASP A 31 9.09 -20.50 -1.71
N TYR A 32 9.56 -21.69 -1.36
CA TYR A 32 10.16 -21.93 -0.04
C TYR A 32 11.67 -21.88 -0.06
N SER A 33 12.29 -21.66 -1.22
CA SER A 33 13.72 -21.87 -1.36
C SER A 33 14.57 -20.82 -0.65
N ARG A 34 14.00 -19.67 -0.28
CA ARG A 34 14.77 -18.59 0.32
C ARG A 34 14.14 -18.10 1.62
N ASP A 35 13.49 -19.00 2.35
CA ASP A 35 12.67 -18.59 3.50
C ASP A 35 13.50 -17.87 4.56
N GLU A 36 14.64 -18.44 4.89
CA GLU A 36 15.48 -17.83 5.94
C GLU A 36 15.97 -16.44 5.53
N GLU A 37 16.41 -16.32 4.31
CA GLU A 37 16.89 -15.04 3.80
C GLU A 37 15.75 -14.02 3.74
N MET A 38 14.55 -14.46 3.39
CA MET A 38 13.44 -13.53 3.28
C MET A 38 12.97 -13.04 4.65
N VAL A 39 12.93 -13.94 5.63
CA VAL A 39 12.61 -13.51 6.99
C VAL A 39 13.64 -12.51 7.48
N GLU A 40 14.92 -12.73 7.17
CA GLU A 40 15.94 -11.77 7.57
C GLU A 40 15.75 -10.42 6.89
N LEU A 41 15.36 -10.43 5.60
CA LEU A 41 15.12 -9.17 4.90
C LEU A 41 13.93 -8.43 5.50
N LEU A 42 12.86 -9.16 5.85
CA LEU A 42 11.71 -8.51 6.47
C LEU A 42 12.08 -7.89 7.82
N LYS A 43 12.86 -8.62 8.63
CA LYS A 43 13.26 -8.05 9.91
C LYS A 43 14.16 -6.84 9.73
N THR A 44 15.08 -6.89 8.78
CA THR A 44 15.92 -5.73 8.51
C THR A 44 15.08 -4.52 8.11
N ALA A 45 14.08 -4.74 7.27
CA ALA A 45 13.22 -3.64 6.84
C ALA A 45 12.46 -3.05 8.02
N ILE A 46 11.88 -3.91 8.86
CA ILE A 46 11.12 -3.43 10.00
C ILE A 46 12.03 -2.64 10.94
N LYS A 47 13.24 -3.17 11.21
CA LYS A 47 14.18 -2.46 12.06
C LYS A 47 14.55 -1.09 11.51
N MET A 48 14.63 -0.95 10.19
CA MET A 48 14.93 0.34 9.58
C MET A 48 13.79 1.33 9.73
N GLY A 49 12.60 0.87 10.10
CA GLY A 49 11.44 1.74 10.25
C GLY A 49 10.27 1.38 9.37
N TYR A 50 10.37 0.32 8.56
CA TYR A 50 9.26 -0.09 7.70
C TYR A 50 8.29 -0.94 8.52
N THR A 51 7.55 -0.26 9.39
CA THR A 51 6.60 -0.94 10.26
C THR A 51 5.21 -1.07 9.64
N HIS A 52 5.01 -0.44 8.48
CA HIS A 52 3.77 -0.56 7.70
C HIS A 52 4.03 -1.61 6.62
N ILE A 53 3.35 -2.74 6.73
CA ILE A 53 3.64 -3.94 5.94
C ILE A 53 2.41 -4.24 5.09
N ASP A 54 2.59 -4.31 3.77
CA ASP A 54 1.50 -4.51 2.83
C ASP A 54 1.61 -5.89 2.21
N THR A 55 0.58 -6.71 2.38
CA THR A 55 0.59 -8.07 1.85
C THR A 55 -0.82 -8.44 1.43
N ALA A 56 -1.03 -9.71 1.09
CA ALA A 56 -2.37 -10.17 0.73
C ALA A 56 -2.41 -11.69 0.83
N GLU A 57 -3.62 -12.24 0.85
CA GLU A 57 -3.78 -13.69 0.98
C GLU A 57 -3.15 -14.43 -0.19
N TYR A 58 -3.14 -13.81 -1.37
CA TYR A 58 -2.68 -14.50 -2.57
C TYR A 58 -1.21 -14.27 -2.86
N TYR A 59 -0.54 -13.44 -2.06
CA TYR A 59 0.90 -13.23 -2.23
C TYR A 59 1.63 -14.52 -1.92
N GLY A 60 2.41 -15.01 -2.89
CA GLY A 60 3.06 -16.30 -2.67
C GLY A 60 2.08 -17.43 -2.39
N GLY A 61 0.85 -17.32 -2.88
CA GLY A 61 -0.13 -18.35 -2.58
C GLY A 61 -0.39 -18.53 -1.10
N GLY A 62 -0.23 -17.48 -0.31
CA GLY A 62 -0.33 -17.55 1.14
C GLY A 62 1.01 -17.58 1.85
N HIS A 63 2.09 -17.90 1.15
CA HIS A 63 3.37 -18.06 1.84
C HIS A 63 3.96 -16.73 2.28
N THR A 64 3.64 -15.63 1.60
CA THR A 64 4.20 -14.35 2.02
C THR A 64 3.72 -14.00 3.42
N GLU A 65 2.42 -14.18 3.68
CA GLU A 65 1.89 -13.94 5.02
C GLU A 65 2.57 -14.83 6.05
N GLU A 66 2.88 -16.08 5.68
CA GLU A 66 3.59 -16.96 6.60
C GLU A 66 4.96 -16.43 6.96
N LEU A 67 5.70 -15.91 5.97
CA LEU A 67 7.02 -15.36 6.24
C LEU A 67 6.93 -14.08 7.06
N ILE A 68 5.96 -13.22 6.76
CA ILE A 68 5.73 -12.06 7.61
C ILE A 68 5.40 -12.49 9.03
N GLY A 69 4.60 -13.55 9.17
CA GLY A 69 4.21 -14.03 10.49
C GLY A 69 5.39 -14.46 11.33
N LYS A 70 6.44 -14.95 10.69
CA LYS A 70 7.65 -15.28 11.46
C LYS A 70 8.48 -14.04 11.75
N ALA A 71 8.59 -13.13 10.79
CA ALA A 71 9.43 -11.94 10.98
C ALA A 71 8.90 -11.05 12.09
N ILE A 72 7.58 -10.90 12.18
CA ILE A 72 7.04 -9.92 13.12
C ILE A 72 7.18 -10.36 14.56
N LYS A 73 7.50 -11.63 14.81
CA LYS A 73 7.62 -12.10 16.19
C LYS A 73 8.79 -11.45 16.92
N ASP A 74 9.73 -10.84 16.19
CA ASP A 74 10.82 -10.10 16.82
C ASP A 74 10.42 -8.71 17.29
N PHE A 75 9.15 -8.34 17.13
CA PHE A 75 8.70 -6.98 17.37
C PHE A 75 7.42 -7.00 18.17
N ARG A 76 7.03 -5.84 18.70
CA ARG A 76 5.74 -5.69 19.36
C ARG A 76 4.66 -5.53 18.31
N ARG A 77 3.64 -6.40 18.37
CA ARG A 77 2.57 -6.36 17.38
C ARG A 77 1.93 -4.98 17.27
N GLU A 78 1.73 -4.30 18.41
CA GLU A 78 1.08 -3.00 18.39
C GLU A 78 1.93 -1.92 17.72
N ASP A 79 3.22 -2.16 17.49
CA ASP A 79 4.07 -1.20 16.80
C ASP A 79 4.00 -1.34 15.29
N LEU A 80 3.37 -2.41 14.80
CA LEU A 80 3.34 -2.69 13.38
C LEU A 80 1.96 -2.37 12.83
N PHE A 81 1.92 -1.99 11.56
CA PHE A 81 0.68 -1.71 10.84
C PHE A 81 0.62 -2.68 9.66
N ILE A 82 -0.14 -3.76 9.82
CA ILE A 82 -0.13 -4.85 8.85
C ILE A 82 -1.41 -4.76 8.02
N VAL A 83 -1.23 -4.73 6.70
CA VAL A 83 -2.30 -4.60 5.72
C VAL A 83 -2.42 -5.91 4.98
N SER A 84 -3.62 -6.46 4.89
CA SER A 84 -3.81 -7.59 4.00
C SER A 84 -5.04 -7.32 3.14
N LYS A 85 -5.29 -8.23 2.20
CA LYS A 85 -6.28 -8.01 1.15
C LYS A 85 -6.95 -9.33 0.80
N VAL A 86 -8.15 -9.24 0.25
CA VAL A 86 -8.94 -10.39 -0.16
C VAL A 86 -9.12 -10.37 -1.68
N TRP A 87 -8.89 -11.52 -2.32
CA TRP A 87 -9.00 -11.67 -3.76
C TRP A 87 -10.48 -11.59 -4.18
N PRO A 88 -10.76 -11.07 -5.37
CA PRO A 88 -12.18 -10.85 -5.76
C PRO A 88 -13.04 -12.11 -5.86
N THR A 89 -12.46 -13.31 -5.86
CA THR A 89 -13.31 -14.49 -5.82
C THR A 89 -13.84 -14.80 -4.42
N HIS A 90 -13.38 -14.07 -3.40
CA HIS A 90 -13.71 -14.37 -2.02
C HIS A 90 -14.54 -13.27 -1.36
N LEU A 91 -15.32 -12.52 -2.15
CA LEU A 91 -15.97 -11.35 -1.57
C LEU A 91 -17.36 -11.61 -1.04
N ARG A 92 -17.92 -12.80 -1.23
CA ARG A 92 -19.15 -13.16 -0.54
C ARG A 92 -18.87 -13.33 0.94
N ARG A 93 -19.92 -13.15 1.76
CA ARG A 93 -19.75 -13.02 3.21
C ARG A 93 -18.92 -14.16 3.81
N ASP A 94 -19.36 -15.40 3.59
CA ASP A 94 -18.70 -16.53 4.25
C ASP A 94 -17.28 -16.70 3.73
N ASP A 95 -17.07 -16.45 2.44
CA ASP A 95 -15.73 -16.58 1.86
C ASP A 95 -14.80 -15.49 2.38
N LEU A 96 -15.30 -14.26 2.53
CA LEU A 96 -14.46 -13.17 3.02
C LEU A 96 -14.00 -13.45 4.44
N LEU A 97 -14.94 -13.88 5.30
CA LEU A 97 -14.56 -14.15 6.68
C LEU A 97 -13.61 -15.33 6.79
N ARG A 98 -13.74 -16.32 5.89
CA ARG A 98 -12.77 -17.40 5.85
C ARG A 98 -11.40 -16.91 5.37
N SER A 99 -11.39 -16.06 4.35
CA SER A 99 -10.13 -15.49 3.90
C SER A 99 -9.44 -14.72 5.01
N LEU A 100 -10.23 -13.92 5.76
CA LEU A 100 -9.70 -13.15 6.87
C LEU A 100 -9.12 -14.06 7.94
N GLU A 101 -9.88 -15.09 8.33
CA GLU A 101 -9.40 -16.02 9.34
C GLU A 101 -8.11 -16.71 8.92
N ASN A 102 -8.03 -17.13 7.65
CA ASN A 102 -6.83 -17.82 7.21
C ASN A 102 -5.64 -16.88 7.09
N THR A 103 -5.89 -15.62 6.73
CA THR A 103 -4.84 -14.61 6.74
C THR A 103 -4.28 -14.42 8.16
N LEU A 104 -5.17 -14.40 9.16
CA LEU A 104 -4.72 -14.24 10.54
C LEU A 104 -3.95 -15.48 11.01
N LYS A 105 -4.39 -16.66 10.60
CA LYS A 105 -3.66 -17.88 10.92
C LYS A 105 -2.26 -17.89 10.31
N ARG A 106 -2.12 -17.48 9.05
CA ARG A 106 -0.81 -17.49 8.42
C ARG A 106 0.10 -16.42 9.01
N LEU A 107 -0.43 -15.23 9.27
CA LEU A 107 0.32 -14.19 9.96
C LEU A 107 0.57 -14.53 11.43
N ASP A 108 -0.17 -15.50 11.96
CA ASP A 108 -0.20 -15.82 13.39
C ASP A 108 -0.33 -14.55 14.22
N THR A 109 -1.43 -13.85 14.00
CA THR A 109 -1.74 -12.66 14.75
C THR A 109 -3.25 -12.62 14.96
N ASP A 110 -3.68 -11.84 15.95
CA ASP A 110 -5.10 -11.81 16.29
C ASP A 110 -5.91 -10.82 15.45
N TYR A 111 -5.25 -9.90 14.75
CA TYR A 111 -5.98 -8.90 13.97
C TYR A 111 -5.07 -8.41 12.86
N VAL A 112 -5.70 -7.85 11.81
CA VAL A 112 -4.98 -7.03 10.85
C VAL A 112 -5.33 -5.58 11.12
N ASP A 113 -4.40 -4.68 10.84
CA ASP A 113 -4.67 -3.26 11.02
C ASP A 113 -5.56 -2.73 9.91
N LEU A 114 -5.36 -3.23 8.70
CA LEU A 114 -6.16 -2.71 7.56
C LEU A 114 -6.46 -3.87 6.62
N TYR A 115 -7.72 -4.00 6.22
CA TYR A 115 -8.12 -5.09 5.30
C TYR A 115 -8.74 -4.44 4.07
N LEU A 116 -8.29 -4.86 2.89
CA LEU A 116 -8.74 -4.24 1.62
C LEU A 116 -9.38 -5.27 0.68
N ILE A 117 -10.37 -4.79 -0.06
CA ILE A 117 -10.86 -5.54 -1.24
C ILE A 117 -9.80 -5.33 -2.32
N HIS A 118 -9.18 -6.40 -2.83
CA HIS A 118 -8.09 -6.20 -3.82
C HIS A 118 -8.60 -5.64 -5.14
N TRP A 119 -9.77 -6.09 -5.59
CA TRP A 119 -10.26 -5.71 -6.90
C TRP A 119 -11.76 -5.88 -6.87
N PRO A 120 -12.51 -4.98 -7.49
CA PRO A 120 -13.97 -5.11 -7.47
C PRO A 120 -14.43 -6.30 -8.28
N ASN A 121 -15.50 -6.93 -7.80
CA ASN A 121 -16.17 -8.01 -8.52
C ASN A 121 -17.61 -7.57 -8.73
N PRO A 122 -17.98 -7.16 -9.96
CA PRO A 122 -19.36 -6.68 -10.22
C PRO A 122 -20.44 -7.71 -9.89
N GLU A 123 -20.10 -8.99 -9.84
CA GLU A 123 -21.09 -10.04 -9.59
C GLU A 123 -21.50 -10.13 -8.13
N ILE A 124 -20.69 -9.58 -7.22
CA ILE A 124 -20.92 -9.71 -5.78
C ILE A 124 -21.31 -8.34 -5.24
N PRO A 125 -22.49 -8.20 -4.62
CA PRO A 125 -22.90 -6.87 -4.15
C PRO A 125 -21.92 -6.30 -3.13
N LEU A 126 -21.53 -5.04 -3.35
CA LEU A 126 -20.58 -4.38 -2.46
C LEU A 126 -21.10 -4.34 -1.03
N GLU A 127 -22.41 -4.15 -0.87
CA GLU A 127 -22.99 -4.08 0.47
C GLU A 127 -22.73 -5.37 1.24
N GLU A 128 -22.79 -6.51 0.57
CA GLU A 128 -22.52 -7.78 1.23
C GLU A 128 -21.07 -7.85 1.68
N THR A 129 -20.15 -7.53 0.78
CA THR A 129 -18.73 -7.60 1.10
C THR A 129 -18.38 -6.65 2.24
N LEU A 130 -18.87 -5.41 2.15
CA LEU A 130 -18.54 -4.41 3.16
C LEU A 130 -19.18 -4.76 4.50
N SER A 131 -20.38 -5.33 4.48
CA SER A 131 -21.00 -5.78 5.72
C SER A 131 -20.20 -6.91 6.36
N ALA A 132 -19.64 -7.80 5.54
CA ALA A 132 -18.80 -8.86 6.10
C ALA A 132 -17.53 -8.28 6.70
N MET A 133 -16.92 -7.29 6.03
CA MET A 133 -15.76 -6.63 6.61
C MET A 133 -16.11 -5.96 7.93
N ALA A 134 -17.28 -5.34 8.00
CA ALA A 134 -17.71 -4.71 9.25
C ALA A 134 -17.88 -5.75 10.36
N GLU A 135 -18.32 -6.96 10.03
CA GLU A 135 -18.36 -8.04 11.03
C GLU A 135 -16.97 -8.30 11.58
N GLY A 136 -15.96 -8.35 10.70
CA GLY A 136 -14.60 -8.50 11.16
C GLY A 136 -14.16 -7.39 12.07
N VAL A 137 -14.52 -6.15 11.76
CA VAL A 137 -14.19 -5.01 12.62
C VAL A 137 -14.87 -5.17 13.97
N ARG A 138 -16.16 -5.52 13.96
CA ARG A 138 -16.90 -5.64 15.21
C ARG A 138 -16.32 -6.73 16.10
N GLN A 139 -15.78 -7.79 15.51
CA GLN A 139 -15.17 -8.88 16.26
C GLN A 139 -13.75 -8.59 16.69
N GLY A 140 -13.18 -7.46 16.32
CA GLY A 140 -11.82 -7.13 16.69
C GLY A 140 -10.77 -7.76 15.80
N LEU A 141 -11.16 -8.32 14.66
CA LEU A 141 -10.22 -8.95 13.74
C LEU A 141 -9.59 -7.96 12.75
N ILE A 142 -10.24 -6.82 12.54
CA ILE A 142 -9.80 -5.78 11.61
C ILE A 142 -9.91 -4.46 12.35
N ARG A 143 -8.87 -3.61 12.24
CA ARG A 143 -9.02 -2.27 12.80
C ARG A 143 -9.69 -1.32 11.80
N TYR A 144 -9.19 -1.26 10.56
CA TYR A 144 -9.68 -0.36 9.54
C TYR A 144 -9.94 -1.13 8.25
N ILE A 145 -10.89 -0.62 7.46
CA ILE A 145 -11.15 -1.22 6.14
C ILE A 145 -10.89 -0.22 5.05
N GLY A 146 -10.56 -0.75 3.87
CA GLY A 146 -10.37 0.09 2.70
C GLY A 146 -10.58 -0.74 1.45
N VAL A 147 -10.35 -0.09 0.32
CA VAL A 147 -10.52 -0.73 -0.98
C VAL A 147 -9.26 -0.54 -1.80
N SER A 148 -9.18 -1.29 -2.90
CA SER A 148 -8.05 -1.21 -3.79
C SER A 148 -8.56 -1.32 -5.22
N ASN A 149 -7.99 -0.52 -6.12
CA ASN A 149 -8.33 -0.56 -7.54
C ASN A 149 -9.80 -0.21 -7.76
N PHE A 150 -10.32 0.69 -6.93
CA PHE A 150 -11.64 1.28 -7.09
C PHE A 150 -11.47 2.65 -7.74
N ASP A 151 -12.13 2.89 -8.87
CA ASP A 151 -12.10 4.26 -9.38
C ASP A 151 -13.00 5.15 -8.52
N ARG A 152 -13.02 6.45 -8.86
CA ARG A 152 -13.75 7.42 -8.06
C ARG A 152 -15.21 7.03 -7.87
N ARG A 153 -15.88 6.66 -8.97
CA ARG A 153 -17.30 6.36 -8.86
C ARG A 153 -17.55 5.14 -7.98
N LEU A 154 -16.69 4.13 -8.07
CA LEU A 154 -16.89 2.95 -7.23
C LEU A 154 -16.50 3.23 -5.78
N LEU A 155 -15.49 4.07 -5.55
CA LEU A 155 -15.19 4.46 -4.17
C LEU A 155 -16.38 5.18 -3.55
N GLU A 156 -17.00 6.10 -4.31
CA GLU A 156 -18.19 6.77 -3.80
C GLU A 156 -19.29 5.77 -3.48
N GLU A 157 -19.50 4.80 -4.36
CA GLU A 157 -20.49 3.76 -4.11
C GLU A 157 -20.13 2.96 -2.87
N ALA A 158 -18.86 2.59 -2.72
CA ALA A 158 -18.47 1.83 -1.53
C ALA A 158 -18.74 2.62 -0.26
N ILE A 159 -18.41 3.92 -0.25
CA ILE A 159 -18.64 4.75 0.93
C ILE A 159 -20.12 4.76 1.28
N SER A 160 -20.98 4.82 0.26
CA SER A 160 -22.42 4.84 0.52
C SER A 160 -22.97 3.50 1.01
N LYS A 161 -22.24 2.40 0.83
CA LYS A 161 -22.69 1.07 1.21
C LYS A 161 -21.95 0.50 2.40
N SER A 162 -21.07 1.27 3.03
CA SER A 162 -20.21 0.75 4.10
C SER A 162 -20.61 1.32 5.45
N GLN A 163 -20.87 0.42 6.41
CA GLN A 163 -21.10 0.85 7.80
C GLN A 163 -19.85 1.46 8.40
N GLU A 164 -18.72 0.88 8.12
CA GLU A 164 -17.46 1.39 8.65
C GLU A 164 -16.84 2.39 7.70
N PRO A 165 -16.01 3.31 8.20
CA PRO A 165 -15.35 4.26 7.30
C PRO A 165 -14.41 3.54 6.34
N ILE A 166 -14.39 4.00 5.10
CA ILE A 166 -13.41 3.54 4.11
C ILE A 166 -12.19 4.46 4.23
N VAL A 167 -11.09 3.94 4.78
CA VAL A 167 -9.99 4.83 5.12
C VAL A 167 -9.01 5.06 3.98
N CYS A 168 -9.04 4.20 2.95
CA CYS A 168 -8.07 4.35 1.87
C CYS A 168 -8.59 3.68 0.61
N ASP A 169 -7.97 4.08 -0.50
CA ASP A 169 -8.10 3.42 -1.79
C ASP A 169 -6.68 3.22 -2.33
N GLN A 170 -6.27 1.96 -2.47
CA GLN A 170 -4.94 1.65 -2.95
C GLN A 170 -4.99 1.43 -4.46
N VAL A 171 -4.34 2.30 -5.22
CA VAL A 171 -4.43 2.30 -6.68
C VAL A 171 -3.05 2.51 -7.27
N LYS A 172 -2.91 2.16 -8.55
CA LYS A 172 -1.65 2.39 -9.26
C LYS A 172 -1.51 3.88 -9.54
N TYR A 173 -0.35 4.44 -9.17
CA TYR A 173 -0.15 5.88 -9.31
C TYR A 173 1.35 6.14 -9.29
N ASN A 174 1.85 6.78 -10.34
CA ASN A 174 3.27 7.10 -10.37
C ASN A 174 3.48 8.22 -11.39
N ILE A 175 4.76 8.56 -11.63
CA ILE A 175 5.06 9.74 -12.43
C ILE A 175 4.48 9.62 -13.84
N GLU A 176 4.27 8.40 -14.34
CA GLU A 176 3.70 8.24 -15.67
C GLU A 176 2.24 7.82 -15.67
N ASP A 177 1.77 7.10 -14.64
CA ASP A 177 0.39 6.64 -14.58
C ASP A 177 -0.43 7.65 -13.79
N ARG A 178 -1.20 8.48 -14.51
CA ARG A 178 -1.97 9.54 -13.89
C ARG A 178 -3.47 9.26 -13.86
N ASP A 179 -3.88 8.00 -14.01
CA ASP A 179 -5.30 7.68 -13.93
C ASP A 179 -5.99 8.27 -12.70
N PRO A 180 -5.40 8.22 -11.49
CA PRO A 180 -6.10 8.82 -10.34
C PRO A 180 -6.29 10.32 -10.45
N GLU A 181 -5.42 11.02 -11.19
CA GLU A 181 -5.62 12.45 -11.42
C GLU A 181 -6.73 12.65 -12.44
N ARG A 182 -6.66 11.95 -13.57
CA ARG A 182 -7.62 12.16 -14.65
C ARG A 182 -9.03 11.74 -14.26
N ASP A 183 -9.15 10.78 -13.33
CA ASP A 183 -10.42 10.28 -12.82
C ASP A 183 -11.01 11.17 -11.72
N GLY A 184 -10.27 12.18 -11.28
CA GLY A 184 -10.70 12.95 -10.14
C GLY A 184 -10.63 12.19 -8.84
N LEU A 185 -9.96 11.03 -8.84
CA LEU A 185 -9.92 10.21 -7.64
C LEU A 185 -9.05 10.83 -6.58
N LEU A 186 -7.85 11.33 -6.96
CA LEU A 186 -6.99 11.95 -5.96
C LEU A 186 -7.68 13.14 -5.30
N GLU A 187 -8.30 14.01 -6.11
CA GLU A 187 -9.01 15.16 -5.56
C GLU A 187 -10.15 14.71 -4.65
N PHE A 188 -10.90 13.70 -5.06
CA PHE A 188 -11.97 13.20 -4.21
C PHE A 188 -11.43 12.75 -2.86
N CYS A 189 -10.33 11.98 -2.88
CA CYS A 189 -9.75 11.52 -1.61
C CYS A 189 -9.33 12.69 -0.75
N GLN A 190 -8.68 13.69 -1.35
CA GLN A 190 -8.20 14.84 -0.59
C GLN A 190 -9.33 15.61 0.04
N LYS A 191 -10.48 15.66 -0.62
CA LYS A 191 -11.61 16.42 -0.11
C LYS A 191 -12.53 15.61 0.79
N ASN A 192 -12.31 14.30 0.91
CA ASN A 192 -13.26 13.45 1.63
C ASN A 192 -12.57 12.57 2.68
N GLY A 193 -11.33 12.88 3.03
CA GLY A 193 -10.67 12.20 4.13
C GLY A 193 -10.33 10.75 3.85
N VAL A 194 -9.95 10.45 2.62
CA VAL A 194 -9.54 9.10 2.22
C VAL A 194 -8.07 9.18 1.83
N THR A 195 -7.27 8.24 2.33
CA THR A 195 -5.87 8.16 1.94
C THR A 195 -5.76 7.45 0.59
N LEU A 196 -5.06 8.06 -0.36
CA LEU A 196 -4.74 7.40 -1.61
C LEU A 196 -3.41 6.70 -1.45
N VAL A 197 -3.41 5.38 -1.57
CA VAL A 197 -2.20 4.57 -1.38
C VAL A 197 -1.72 4.18 -2.78
N ALA A 198 -0.57 4.73 -3.18
CA ALA A 198 -0.04 4.52 -4.52
C ALA A 198 0.77 3.24 -4.57
N TYR A 199 0.31 2.26 -5.34
CA TYR A 199 1.19 1.13 -5.58
C TYR A 199 1.84 1.25 -6.95
N SER A 200 2.85 0.41 -7.15
CA SER A 200 3.81 0.63 -8.24
C SER A 200 4.25 2.08 -8.29
N PRO A 201 4.66 2.67 -7.16
CA PRO A 201 5.03 4.09 -7.16
C PRO A 201 6.30 4.39 -7.94
N LEU A 202 7.12 3.39 -8.19
CA LEU A 202 8.30 3.54 -9.03
C LEU A 202 8.03 2.86 -10.37
N ARG A 203 8.32 3.58 -11.44
CA ARG A 203 8.35 2.99 -12.77
C ARG A 203 9.84 2.85 -13.09
N ARG A 204 10.36 1.64 -12.97
CA ARG A 204 11.81 1.46 -13.03
C ARG A 204 12.32 1.40 -14.45
N THR A 205 11.46 1.08 -15.42
CA THR A 205 11.90 0.93 -16.80
C THR A 205 10.81 1.51 -17.71
N LEU A 206 11.18 1.67 -18.98
CA LEU A 206 10.26 2.07 -20.03
C LEU A 206 9.67 3.46 -19.80
N LEU A 207 10.50 4.40 -19.33
CA LEU A 207 10.03 5.76 -19.18
C LEU A 207 10.14 6.50 -20.52
N SER A 208 9.28 7.48 -20.72
CA SER A 208 9.44 8.36 -21.86
C SER A 208 10.72 9.20 -21.69
N GLU A 209 11.25 9.65 -22.82
CA GLU A 209 12.48 10.44 -22.76
C GLU A 209 12.25 11.78 -22.07
N LYS A 210 11.08 12.38 -22.26
CA LYS A 210 10.79 13.63 -21.57
C LYS A 210 10.73 13.41 -20.06
N THR A 211 10.13 12.30 -19.63
CA THR A 211 10.11 11.98 -18.21
C THR A 211 11.52 11.77 -17.67
N LYS A 212 12.33 10.96 -18.38
CA LYS A 212 13.70 10.71 -17.93
C LYS A 212 14.49 12.01 -17.82
N ARG A 213 14.43 12.84 -18.86
CA ARG A 213 15.21 14.08 -18.86
C ARG A 213 14.80 15.00 -17.72
N THR A 214 13.49 15.11 -17.46
CA THR A 214 13.02 15.96 -16.37
C THR A 214 13.45 15.41 -15.02
N LEU A 215 13.27 14.10 -14.82
CA LEU A 215 13.67 13.50 -13.55
C LEU A 215 15.17 13.60 -13.35
N GLU A 216 15.95 13.46 -14.42
CA GLU A 216 17.41 13.50 -14.28
C GLU A 216 17.88 14.87 -13.81
N GLU A 217 17.30 15.93 -14.36
CA GLU A 217 17.69 17.26 -13.93
C GLU A 217 17.35 17.50 -12.47
N ILE A 218 16.14 17.12 -12.03
CA ILE A 218 15.76 17.34 -10.65
C ILE A 218 16.57 16.45 -9.72
N ALA A 219 16.82 15.20 -10.14
CA ALA A 219 17.65 14.31 -9.33
C ALA A 219 19.04 14.88 -9.14
N LYS A 220 19.63 15.39 -10.21
CA LYS A 220 20.97 15.98 -10.12
C LYS A 220 20.99 17.13 -9.12
N ASN A 221 19.96 18.00 -9.16
CA ASN A 221 19.95 19.17 -8.28
C ASN A 221 19.83 18.77 -6.82
N HIS A 222 19.26 17.60 -6.53
CA HIS A 222 19.10 17.11 -5.16
C HIS A 222 20.13 16.05 -4.78
N GLY A 223 21.05 15.70 -5.68
CA GLY A 223 21.98 14.61 -5.37
C GLY A 223 21.27 13.30 -5.12
N ALA A 224 20.21 13.03 -5.86
CA ALA A 224 19.34 11.87 -5.63
C ALA A 224 19.24 11.06 -6.92
N THR A 225 18.65 9.88 -6.81
CA THR A 225 18.34 9.10 -8.00
C THR A 225 16.97 9.49 -8.55
N ILE A 226 16.72 9.14 -9.81
CA ILE A 226 15.43 9.46 -10.40
C ILE A 226 14.31 8.75 -9.66
N TYR A 227 14.59 7.58 -9.10
CA TYR A 227 13.57 6.85 -8.34
C TYR A 227 13.25 7.56 -7.03
N GLN A 228 14.25 8.16 -6.39
CA GLN A 228 13.98 8.94 -5.19
C GLN A 228 13.12 10.15 -5.51
N ILE A 229 13.33 10.77 -6.67
CA ILE A 229 12.49 11.90 -7.07
C ILE A 229 11.06 11.45 -7.33
N MET A 230 10.89 10.32 -8.01
CA MET A 230 9.54 9.79 -8.24
C MET A 230 8.78 9.60 -6.93
N LEU A 231 9.46 9.08 -5.92
CA LEU A 231 8.84 8.83 -4.62
C LEU A 231 8.56 10.14 -3.89
N ALA A 232 9.54 11.04 -3.87
CA ALA A 232 9.34 12.33 -3.21
C ALA A 232 8.17 13.09 -3.83
N TRP A 233 8.00 12.97 -5.14
CA TRP A 233 6.88 13.63 -5.82
C TRP A 233 5.55 13.13 -5.28
N LEU A 234 5.40 11.81 -5.13
CA LEU A 234 4.17 11.27 -4.58
C LEU A 234 3.98 11.71 -3.14
N LEU A 235 5.04 11.63 -2.34
CA LEU A 235 4.93 11.90 -0.91
C LEU A 235 4.65 13.36 -0.63
N ALA A 236 4.93 14.26 -1.57
CA ALA A 236 4.61 15.67 -1.40
C ALA A 236 3.12 15.95 -1.49
N LYS A 237 2.33 15.01 -1.96
CA LYS A 237 0.93 15.28 -2.22
C LYS A 237 0.08 14.98 -0.99
N PRO A 238 -0.82 15.87 -0.61
CA PRO A 238 -1.74 15.58 0.49
C PRO A 238 -2.48 14.28 0.25
N ASN A 239 -2.60 13.50 1.33
CA ASN A 239 -3.35 12.24 1.38
C ASN A 239 -2.68 11.10 0.64
N VAL A 240 -1.45 11.26 0.13
CA VAL A 240 -0.81 10.20 -0.65
C VAL A 240 0.25 9.48 0.17
N VAL A 241 0.14 8.18 0.25
CA VAL A 241 1.14 7.27 0.80
C VAL A 241 1.55 6.36 -0.35
N ALA A 242 2.74 5.77 -0.25
CA ALA A 242 3.26 4.95 -1.35
C ALA A 242 3.75 3.61 -0.84
N ILE A 243 3.57 2.58 -1.66
CA ILE A 243 4.06 1.24 -1.36
C ILE A 243 5.09 0.81 -2.39
N PRO A 244 6.36 1.16 -2.24
CA PRO A 244 7.39 0.60 -3.13
C PRO A 244 7.58 -0.88 -2.85
N LYS A 245 7.84 -1.64 -3.89
CA LYS A 245 8.23 -3.04 -3.71
C LYS A 245 9.57 -3.09 -2.98
N ALA A 246 9.61 -3.85 -1.88
CA ALA A 246 10.78 -3.90 -1.01
C ALA A 246 12.03 -4.28 -1.81
N GLY A 247 12.09 -5.54 -2.21
CA GLY A 247 13.19 -6.00 -3.04
C GLY A 247 14.44 -6.38 -2.29
N ARG A 248 15.21 -5.38 -1.86
CA ARG A 248 16.53 -5.62 -1.33
C ARG A 248 16.95 -4.42 -0.49
N VAL A 249 18.01 -4.62 0.30
CA VAL A 249 18.43 -3.60 1.26
C VAL A 249 18.78 -2.29 0.57
N GLU A 250 19.38 -2.35 -0.62
CA GLU A 250 19.72 -1.10 -1.30
C GLU A 250 18.48 -0.28 -1.61
N HIS A 251 17.41 -0.93 -2.08
CA HIS A 251 16.17 -0.21 -2.35
C HIS A 251 15.56 0.33 -1.06
N LEU A 252 15.58 -0.46 0.01
CA LEU A 252 14.99 -0.01 1.27
C LEU A 252 15.69 1.24 1.79
N ARG A 253 17.02 1.27 1.69
CA ARG A 253 17.76 2.45 2.13
C ARG A 253 17.49 3.64 1.22
N GLU A 254 17.55 3.43 -0.10
CA GLU A 254 17.35 4.51 -1.04
C GLU A 254 15.97 5.11 -0.90
N ASN A 255 14.94 4.26 -0.78
CA ASN A 255 13.57 4.76 -0.69
C ASN A 255 13.34 5.52 0.61
N LEU A 256 13.91 5.03 1.72
CA LEU A 256 13.79 5.74 2.98
C LEU A 256 14.41 7.13 2.90
N LYS A 257 15.56 7.24 2.22
CA LYS A 257 16.21 8.54 2.03
C LYS A 257 15.36 9.51 1.23
N ALA A 258 14.48 9.00 0.37
CA ALA A 258 13.64 9.87 -0.44
C ALA A 258 12.71 10.76 0.40
N THR A 259 12.46 10.41 1.64
CA THR A 259 11.63 11.28 2.52
C THR A 259 12.42 12.54 2.90
N GLU A 260 13.73 12.55 2.71
CA GLU A 260 14.55 13.73 3.08
C GLU A 260 14.49 14.81 2.00
N ILE A 261 13.93 14.51 0.84
CA ILE A 261 13.93 15.45 -0.29
C ILE A 261 12.77 16.42 -0.20
N LYS A 262 13.11 17.68 -0.23
CA LYS A 262 12.13 18.75 -0.27
C LYS A 262 12.14 19.31 -1.68
N LEU A 263 11.14 18.93 -2.48
CA LEU A 263 11.04 19.45 -3.84
C LEU A 263 10.54 20.89 -3.81
N SER A 264 11.13 21.72 -4.66
CA SER A 264 10.70 23.10 -4.76
C SER A 264 9.33 23.19 -5.44
N GLU A 265 8.70 24.35 -5.31
CA GLU A 265 7.42 24.53 -5.98
C GLU A 265 7.56 24.44 -7.49
N GLU A 266 8.66 24.96 -8.04
CA GLU A 266 8.95 24.83 -9.47
C GLU A 266 9.10 23.38 -9.88
N GLU A 267 9.84 22.61 -9.07
CA GLU A 267 10.07 21.20 -9.39
C GLU A 267 8.77 20.42 -9.38
N MET A 268 7.90 20.72 -8.42
CA MET A 268 6.62 20.03 -8.35
C MET A 268 5.76 20.33 -9.58
N LYS A 269 5.71 21.59 -10.00
CA LYS A 269 4.91 21.93 -11.18
C LYS A 269 5.46 21.25 -12.42
N LEU A 270 6.78 21.17 -12.54
CA LEU A 270 7.40 20.51 -13.68
C LEU A 270 7.06 19.02 -13.68
N LEU A 271 7.22 18.35 -12.53
CA LEU A 271 6.88 16.94 -12.43
C LEU A 271 5.40 16.70 -12.70
N ASP A 272 4.54 17.55 -12.13
CA ASP A 272 3.10 17.42 -12.37
C ASP A 272 2.77 17.43 -13.86
N SER A 273 3.51 18.22 -14.61
CA SER A 273 3.24 18.40 -16.06
C SER A 273 3.70 17.22 -16.92
N LEU A 274 4.35 16.21 -16.35
CA LEU A 274 4.83 15.05 -17.15
C LEU A 274 3.69 14.08 -17.50
N GLY A 275 2.53 14.22 -16.89
CA GLY A 275 1.40 13.35 -17.24
C GLY A 275 0.10 14.09 -17.10
#